data_6U4A
#
_entry.id   6U4A
#
_cell.length_a   48.825
_cell.length_b   64.419
_cell.length_c   87.648
_cell.angle_alpha   90.000
_cell.angle_beta   90.000
_cell.angle_gamma   90.000
#
_symmetry.space_group_name_H-M   'P 21 21 21'
#
loop_
_entity.id
_entity.type
_entity.pdbx_description
1 polymer 'Bromodomain-containing protein 3'
2 polymer 'cyclic peptide 3.1_3'
3 non-polymer 'SULFATE ION'
4 non-polymer GLYCEROL
5 water water
#
loop_
_entity_poly.entity_id
_entity_poly.type
_entity_poly.pdbx_seq_one_letter_code
_entity_poly.pdbx_strand_id
1 'polypeptide(L)'
;QPLGSEVSNPSKPGRKTNQLQYMQNVVVKTLWKHQFAWPFYQPVDAIKLNLPDYHKIIKNPMDMGTIKKRLENNYYWSAS
ECMQDFNTMFTNCYIYNKPTDDIVLMAQALEKIFLQKVAQMPQEEVEL
;
A,B
2 'polypeptide(L)' (ACE)WWIIP(ALY)VK(ALY)GC(NH2) D,C
#
# COMPACT_ATOMS: atom_id res chain seq x y z
N ASN A 9 1.22 -6.96 19.27
CA ASN A 9 0.46 -8.05 19.84
C ASN A 9 -1.01 -7.66 20.05
N PRO A 10 -1.93 -8.57 19.72
CA PRO A 10 -3.35 -8.28 19.92
C PRO A 10 -3.67 -8.05 21.39
N SER A 11 -4.69 -7.24 21.64
CA SER A 11 -5.14 -6.91 22.99
C SER A 11 -6.28 -7.77 23.47
N LYS A 12 -6.78 -8.68 22.65
CA LYS A 12 -7.86 -9.60 23.00
C LYS A 12 -7.58 -10.94 22.33
N PRO A 13 -8.12 -12.03 22.87
CA PRO A 13 -8.05 -13.30 22.14
C PRO A 13 -8.74 -13.16 20.79
N GLY A 14 -8.28 -13.95 19.83
CA GLY A 14 -8.76 -13.82 18.47
C GLY A 14 -10.20 -14.27 18.30
N ARG A 15 -10.75 -13.91 17.14
CA ARG A 15 -12.15 -14.19 16.82
C ARG A 15 -12.24 -14.70 15.38
N LYS A 16 -13.37 -15.34 15.09
CA LYS A 16 -13.81 -15.58 13.72
C LYS A 16 -14.83 -14.51 13.36
N THR A 17 -14.57 -13.76 12.29
CA THR A 17 -15.48 -12.70 11.87
C THR A 17 -15.69 -12.77 10.37
N ASN A 18 -16.74 -12.09 9.89
CA ASN A 18 -17.00 -12.05 8.45
C ASN A 18 -15.82 -11.44 7.71
N GLN A 19 -15.19 -10.42 8.28
CA GLN A 19 -14.08 -9.76 7.59
C GLN A 19 -12.83 -10.63 7.60
N LEU A 20 -12.57 -11.31 8.71
CA LEU A 20 -11.41 -12.20 8.77
C LEU A 20 -11.60 -13.40 7.87
N GLN A 21 -12.82 -13.91 7.75
N GLN A 21 -12.83 -13.91 7.77
CA GLN A 21 -13.07 -15.00 6.80
CA GLN A 21 -13.14 -14.98 6.82
C GLN A 21 -12.88 -14.52 5.38
C GLN A 21 -12.90 -14.52 5.40
N TYR A 22 -13.20 -13.25 5.11
CA TYR A 22 -12.93 -12.68 3.79
C TYR A 22 -11.43 -12.55 3.54
N MET A 23 -10.67 -12.14 4.55
CA MET A 23 -9.22 -12.07 4.40
C MET A 23 -8.63 -13.45 4.08
N GLN A 24 -9.20 -14.50 4.68
CA GLN A 24 -8.65 -15.84 4.49
C GLN A 24 -9.10 -16.45 3.17
N ASN A 25 -10.39 -16.38 2.86
CA ASN A 25 -10.95 -17.09 1.72
C ASN A 25 -10.98 -16.28 0.44
N VAL A 26 -10.85 -14.95 0.51
CA VAL A 26 -10.81 -14.10 -0.68
C VAL A 26 -9.42 -13.49 -0.86
N VAL A 27 -8.92 -12.77 0.15
CA VAL A 27 -7.70 -12.00 -0.03
C VAL A 27 -6.49 -12.92 -0.15
N VAL A 28 -6.27 -13.78 0.86
CA VAL A 28 -5.10 -14.66 0.81
C VAL A 28 -5.18 -15.60 -0.39
N LYS A 29 -6.36 -16.17 -0.64
CA LYS A 29 -6.49 -17.13 -1.72
C LYS A 29 -6.20 -16.50 -3.08
N THR A 30 -6.70 -15.30 -3.31
N THR A 30 -6.71 -15.30 -3.34
CA THR A 30 -6.50 -14.65 -4.61
CA THR A 30 -6.48 -14.71 -4.65
C THR A 30 -5.04 -14.26 -4.82
C THR A 30 -5.04 -14.25 -4.83
N LEU A 31 -4.38 -13.83 -3.74
CA LEU A 31 -2.98 -13.45 -3.86
C LEU A 31 -2.09 -14.67 -4.06
N TRP A 32 -2.34 -15.73 -3.28
CA TRP A 32 -1.46 -16.90 -3.29
C TRP A 32 -1.38 -17.55 -4.67
N LYS A 33 -2.45 -17.48 -5.45
CA LYS A 33 -2.53 -18.23 -6.70
C LYS A 33 -1.71 -17.62 -7.83
N HIS A 34 -1.28 -16.37 -7.71
CA HIS A 34 -0.51 -15.73 -8.77
C HIS A 34 0.92 -16.25 -8.81
N GLN A 35 1.46 -16.37 -10.02
CA GLN A 35 2.78 -16.98 -10.19
C GLN A 35 3.91 -16.09 -9.66
N PHE A 36 3.63 -14.85 -9.28
CA PHE A 36 4.65 -13.96 -8.72
C PHE A 36 4.50 -13.77 -7.21
N ALA A 37 3.68 -14.60 -6.55
CA ALA A 37 3.51 -14.47 -5.11
C ALA A 37 4.56 -15.23 -4.31
N TRP A 38 5.32 -16.13 -4.94
CA TRP A 38 6.17 -17.06 -4.20
C TRP A 38 7.19 -16.42 -3.25
N PRO A 39 7.76 -15.24 -3.50
CA PRO A 39 8.71 -14.69 -2.51
C PRO A 39 8.08 -14.33 -1.19
N PHE A 40 6.74 -14.31 -1.11
CA PHE A 40 6.01 -13.91 0.09
C PHE A 40 5.34 -15.08 0.78
N TYR A 41 5.60 -16.30 0.34
CA TYR A 41 4.97 -17.47 0.95
C TYR A 41 5.53 -17.76 2.34
N GLN A 42 6.80 -17.43 2.57
CA GLN A 42 7.51 -17.79 3.80
C GLN A 42 8.27 -16.58 4.29
N PRO A 43 8.69 -16.57 5.56
CA PRO A 43 9.52 -15.47 6.06
C PRO A 43 10.76 -15.31 5.21
N VAL A 44 11.24 -14.07 5.11
CA VAL A 44 12.48 -13.80 4.40
C VAL A 44 13.62 -14.53 5.08
N ASP A 45 14.27 -15.46 4.37
CA ASP A 45 15.41 -16.19 4.93
C ASP A 45 16.66 -15.40 4.58
N ALA A 46 17.06 -14.52 5.51
CA ALA A 46 18.18 -13.62 5.24
C ALA A 46 19.52 -14.36 5.22
N ILE A 47 19.59 -15.57 5.77
CA ILE A 47 20.81 -16.36 5.69
C ILE A 47 20.96 -16.98 4.30
N LYS A 48 19.95 -17.76 3.86
CA LYS A 48 20.03 -18.39 2.55
C LYS A 48 20.13 -17.35 1.44
N LEU A 49 19.46 -16.21 1.59
CA LEU A 49 19.47 -15.17 0.57
C LEU A 49 20.64 -14.21 0.73
N ASN A 50 21.46 -14.38 1.77
CA ASN A 50 22.64 -13.55 2.00
C ASN A 50 22.28 -12.06 1.96
N LEU A 51 21.28 -11.70 2.75
CA LEU A 51 20.80 -10.33 2.77
C LEU A 51 21.43 -9.60 3.95
N PRO A 52 22.41 -8.73 3.71
CA PRO A 52 23.11 -8.08 4.82
C PRO A 52 22.18 -7.13 5.56
N ASP A 53 22.22 -7.22 6.89
CA ASP A 53 21.54 -6.29 7.79
C ASP A 53 20.03 -6.30 7.62
N TYR A 54 19.46 -7.39 7.07
CA TYR A 54 18.00 -7.41 6.87
C TYR A 54 17.26 -7.24 8.18
N HIS A 55 17.65 -7.97 9.21
CA HIS A 55 16.96 -7.88 10.49
C HIS A 55 17.38 -6.66 11.31
N LYS A 56 18.48 -6.01 10.95
CA LYS A 56 18.78 -4.70 11.53
C LYS A 56 17.90 -3.62 10.94
N ILE A 57 17.56 -3.74 9.66
CA ILE A 57 16.73 -2.74 8.99
C ILE A 57 15.24 -3.04 9.19
N ILE A 58 14.84 -4.30 9.10
CA ILE A 58 13.46 -4.72 9.18
C ILE A 58 13.23 -5.30 10.58
N LYS A 59 12.58 -4.52 11.45
CA LYS A 59 12.36 -4.93 12.83
C LYS A 59 11.11 -5.78 13.01
N ASN A 60 10.14 -5.71 12.10
CA ASN A 60 8.91 -6.48 12.21
C ASN A 60 8.72 -7.24 10.91
N PRO A 61 9.41 -8.37 10.73
CA PRO A 61 9.21 -9.16 9.51
C PRO A 61 7.81 -9.74 9.44
N MET A 62 7.32 -9.90 8.22
CA MET A 62 5.99 -10.45 8.01
C MET A 62 5.92 -11.06 6.61
N ASP A 63 5.11 -12.11 6.48
CA ASP A 63 4.95 -12.79 5.20
C ASP A 63 3.53 -13.34 5.12
N MET A 64 3.14 -13.76 3.91
CA MET A 64 1.78 -14.21 3.69
C MET A 64 1.51 -15.58 4.31
N GLY A 65 2.54 -16.42 4.42
CA GLY A 65 2.38 -17.68 5.11
C GLY A 65 2.08 -17.49 6.59
N THR A 66 2.74 -16.52 7.21
CA THR A 66 2.45 -16.20 8.61
C THR A 66 1.04 -15.64 8.76
N ILE A 67 0.64 -14.75 7.85
CA ILE A 67 -0.71 -14.19 7.89
C ILE A 67 -1.75 -15.30 7.74
N LYS A 68 -1.52 -16.21 6.78
CA LYS A 68 -2.45 -17.31 6.59
C LYS A 68 -2.55 -18.19 7.84
N LYS A 69 -1.41 -18.47 8.47
CA LYS A 69 -1.42 -19.27 9.69
C LYS A 69 -2.17 -18.56 10.81
N ARG A 70 -1.97 -17.25 10.96
CA ARG A 70 -2.68 -16.50 11.98
C ARG A 70 -4.19 -16.53 11.74
N LEU A 71 -4.60 -16.48 10.47
CA LEU A 71 -6.03 -16.53 10.16
C LEU A 71 -6.62 -17.90 10.48
N GLU A 72 -5.90 -18.98 10.15
CA GLU A 72 -6.40 -20.31 10.41
C GLU A 72 -6.40 -20.66 11.90
N ASN A 73 -5.58 -19.99 12.71
CA ASN A 73 -5.52 -20.22 14.14
C ASN A 73 -6.27 -19.16 14.94
N ASN A 74 -7.07 -18.32 14.28
CA ASN A 74 -7.85 -17.27 14.94
C ASN A 74 -6.99 -16.44 15.88
N TYR A 75 -5.83 -16.00 15.37
CA TYR A 75 -4.94 -15.15 16.13
C TYR A 75 -5.48 -13.73 16.22
N TYR A 76 -6.14 -13.26 15.16
CA TYR A 76 -6.57 -11.87 15.07
C TYR A 76 -7.91 -11.68 15.76
N TRP A 77 -8.05 -10.55 16.46
CA TRP A 77 -9.37 -10.15 16.95
C TRP A 77 -10.17 -9.41 15.89
N SER A 78 -9.49 -8.71 14.97
CA SER A 78 -10.16 -7.90 13.96
C SER A 78 -9.37 -7.95 12.65
N ALA A 79 -10.09 -7.83 11.54
CA ALA A 79 -9.42 -7.76 10.24
C ALA A 79 -8.55 -6.51 10.11
N SER A 80 -8.75 -5.50 10.95
CA SER A 80 -7.87 -4.34 10.90
C SER A 80 -6.43 -4.75 11.22
N GLU A 81 -6.26 -5.71 12.13
CA GLU A 81 -4.93 -6.20 12.47
C GLU A 81 -4.33 -7.01 11.31
N CYS A 82 -5.16 -7.80 10.63
CA CYS A 82 -4.68 -8.54 9.47
C CYS A 82 -4.26 -7.61 8.35
N MET A 83 -5.06 -6.58 8.07
CA MET A 83 -4.68 -5.63 7.02
C MET A 83 -3.38 -4.93 7.36
N GLN A 84 -3.14 -4.65 8.65
CA GLN A 84 -1.88 -4.05 9.04
C GLN A 84 -0.70 -5.00 8.80
N ASP A 85 -0.90 -6.30 8.97
CA ASP A 85 0.18 -7.25 8.70
C ASP A 85 0.53 -7.27 7.21
N PHE A 86 -0.49 -7.25 6.34
CA PHE A 86 -0.23 -7.14 4.91
C PHE A 86 0.54 -5.86 4.58
N ASN A 87 0.09 -4.74 5.15
CA ASN A 87 0.78 -3.48 4.93
C ASN A 87 2.24 -3.56 5.39
N THR A 88 2.49 -4.15 6.55
CA THR A 88 3.86 -4.35 7.02
C THR A 88 4.66 -5.18 6.03
N MET A 89 4.06 -6.24 5.50
CA MET A 89 4.77 -7.11 4.56
C MET A 89 5.23 -6.34 3.33
N PHE A 90 4.34 -5.55 2.73
CA PHE A 90 4.71 -4.79 1.55
C PHE A 90 5.69 -3.67 1.88
N THR A 91 5.45 -2.95 2.98
CA THR A 91 6.31 -1.83 3.33
C THR A 91 7.73 -2.30 3.64
N ASN A 92 7.88 -3.40 4.36
CA ASN A 92 9.21 -3.98 4.59
C ASN A 92 9.94 -4.18 3.28
N CYS A 93 9.23 -4.73 2.29
CA CYS A 93 9.84 -5.04 1.00
C CYS A 93 10.37 -3.78 0.32
N TYR A 94 9.59 -2.69 0.34
CA TYR A 94 10.03 -1.45 -0.29
C TYR A 94 11.15 -0.77 0.48
N ILE A 95 11.12 -0.88 1.81
CA ILE A 95 12.15 -0.24 2.63
C ILE A 95 13.50 -0.92 2.42
N TYR A 96 13.53 -2.25 2.42
CA TYR A 96 14.82 -2.94 2.38
C TYR A 96 15.40 -2.98 0.97
N ASN A 97 14.57 -3.16 -0.04
CA ASN A 97 15.09 -3.48 -1.37
C ASN A 97 15.32 -2.22 -2.20
N LYS A 98 15.98 -2.40 -3.36
CA LYS A 98 16.38 -1.33 -4.26
C LYS A 98 15.30 -1.08 -5.31
N PRO A 99 15.22 0.15 -5.82
CA PRO A 99 14.09 0.51 -6.70
C PRO A 99 13.90 -0.40 -7.90
N THR A 100 14.99 -0.87 -8.52
CA THR A 100 14.90 -1.64 -9.75
C THR A 100 14.85 -3.14 -9.52
N ASP A 101 14.81 -3.61 -8.28
CA ASP A 101 14.81 -5.04 -8.00
C ASP A 101 13.51 -5.68 -8.48
N ASP A 102 13.62 -6.93 -8.95
CA ASP A 102 12.43 -7.71 -9.31
C ASP A 102 11.40 -7.72 -8.19
N ILE A 103 11.85 -7.84 -6.94
CA ILE A 103 10.92 -8.04 -5.83
C ILE A 103 9.98 -6.84 -5.69
N VAL A 104 10.46 -5.65 -6.03
CA VAL A 104 9.64 -4.45 -5.88
C VAL A 104 8.46 -4.49 -6.84
N LEU A 105 8.70 -4.87 -8.10
CA LEU A 105 7.59 -4.99 -9.05
C LEU A 105 6.61 -6.07 -8.62
N MET A 106 7.11 -7.19 -8.12
CA MET A 106 6.22 -8.26 -7.66
C MET A 106 5.36 -7.77 -6.49
N ALA A 107 5.96 -7.02 -5.57
CA ALA A 107 5.19 -6.49 -4.44
C ALA A 107 4.16 -5.47 -4.90
N GLN A 108 4.54 -4.60 -5.85
CA GLN A 108 3.59 -3.61 -6.36
C GLN A 108 2.37 -4.27 -6.98
N ALA A 109 2.58 -5.34 -7.75
CA ALA A 109 1.47 -6.02 -8.40
C ALA A 109 0.57 -6.72 -7.39
N LEU A 110 1.16 -7.34 -6.38
CA LEU A 110 0.37 -7.97 -5.33
C LEU A 110 -0.36 -6.94 -4.48
N GLU A 111 0.31 -5.82 -4.19
CA GLU A 111 -0.32 -4.81 -3.35
C GLU A 111 -1.53 -4.20 -4.02
N LYS A 112 -1.51 -4.06 -5.35
CA LYS A 112 -2.66 -3.53 -6.07
C LYS A 112 -3.86 -4.45 -5.94
N ILE A 113 -3.64 -5.77 -6.03
CA ILE A 113 -4.72 -6.73 -5.86
C ILE A 113 -5.24 -6.69 -4.43
N PHE A 114 -4.32 -6.60 -3.47
CA PHE A 114 -4.71 -6.48 -2.06
C PHE A 114 -5.63 -5.29 -1.84
N LEU A 115 -5.25 -4.12 -2.33
CA LEU A 115 -6.07 -2.92 -2.14
C LEU A 115 -7.42 -3.05 -2.85
N GLN A 116 -7.42 -3.65 -4.04
CA GLN A 116 -8.67 -3.88 -4.75
C GLN A 116 -9.63 -4.74 -3.94
N LYS A 117 -9.11 -5.80 -3.31
CA LYS A 117 -9.97 -6.67 -2.50
C LYS A 117 -10.39 -5.99 -1.20
N VAL A 118 -9.54 -5.13 -0.63
CA VAL A 118 -9.94 -4.36 0.54
C VAL A 118 -11.08 -3.41 0.21
N ALA A 119 -11.01 -2.76 -0.97
CA ALA A 119 -12.09 -1.89 -1.40
C ALA A 119 -13.42 -2.65 -1.50
N GLN A 120 -13.37 -3.92 -1.88
CA GLN A 120 -14.57 -4.72 -2.06
C GLN A 120 -15.02 -5.44 -0.80
N MET A 121 -14.32 -5.27 0.32
N MET A 121 -14.30 -5.28 0.32
CA MET A 121 -14.61 -6.02 1.53
CA MET A 121 -14.64 -6.06 1.50
C MET A 121 -15.86 -5.48 2.22
C MET A 121 -15.87 -5.50 2.21
N PRO A 122 -16.63 -6.34 2.89
CA PRO A 122 -17.76 -5.84 3.69
C PRO A 122 -17.28 -4.86 4.75
N GLN A 123 -18.03 -3.76 4.90
CA GLN A 123 -17.54 -2.61 5.64
C GLN A 123 -17.70 -2.75 7.15
N GLU A 124 -18.60 -3.59 7.64
CA GLU A 124 -18.75 -3.83 9.07
C GLU A 124 -18.27 -5.24 9.41
N GLU A 125 -17.75 -5.38 10.63
CA GLU A 125 -17.21 -6.65 11.12
C GLU A 125 -18.17 -7.23 12.15
N VAL A 126 -18.61 -8.46 11.91
CA VAL A 126 -19.53 -9.17 12.79
C VAL A 126 -18.93 -10.53 13.13
N GLU A 127 -19.01 -10.92 14.40
CA GLU A 127 -18.44 -12.19 14.85
C GLU A 127 -19.30 -13.36 14.37
N LEU A 128 -18.64 -14.47 14.03
CA LEU A 128 -19.33 -15.66 13.54
C LEU A 128 -19.46 -16.71 14.64
N SER B 5 -15.14 -1.48 -33.86
CA SER B 5 -15.96 -0.28 -33.89
C SER B 5 -15.32 0.86 -33.09
N GLU B 6 -14.67 0.54 -31.98
CA GLU B 6 -13.94 1.56 -31.24
C GLU B 6 -12.74 2.04 -32.04
N VAL B 7 -12.65 3.36 -32.23
CA VAL B 7 -11.57 3.93 -33.03
C VAL B 7 -10.23 3.75 -32.31
N SER B 8 -9.16 3.77 -33.10
CA SER B 8 -7.82 3.62 -32.53
C SER B 8 -7.34 4.86 -31.80
N ASN B 9 -8.06 5.98 -31.89
CA ASN B 9 -7.69 7.22 -31.19
C ASN B 9 -8.83 7.68 -30.28
N PRO B 10 -9.18 6.90 -29.26
CA PRO B 10 -10.24 7.33 -28.34
C PRO B 10 -9.71 8.32 -27.31
N SER B 11 -10.64 9.09 -26.75
CA SER B 11 -10.29 10.08 -25.74
C SER B 11 -10.06 9.42 -24.39
N LYS B 12 -9.54 10.20 -23.45
CA LYS B 12 -9.35 9.73 -22.08
C LYS B 12 -10.55 10.17 -21.25
N PRO B 13 -11.53 9.29 -21.05
CA PRO B 13 -12.78 9.70 -20.39
C PRO B 13 -12.61 9.79 -18.88
N GLY B 14 -13.36 10.72 -18.29
CA GLY B 14 -13.40 10.87 -16.86
C GLY B 14 -14.83 10.95 -16.38
N ARG B 15 -15.01 10.73 -15.08
CA ARG B 15 -16.34 10.85 -14.49
C ARG B 15 -16.18 11.01 -12.99
N LYS B 16 -17.30 11.27 -12.32
CA LYS B 16 -17.34 11.27 -10.87
C LYS B 16 -18.25 10.13 -10.45
N THR B 17 -17.67 9.12 -9.80
CA THR B 17 -18.40 7.99 -9.26
C THR B 17 -18.58 8.15 -7.75
N ASN B 18 -19.40 7.26 -7.17
CA ASN B 18 -19.56 7.29 -5.72
C ASN B 18 -18.23 6.99 -5.01
N GLN B 19 -17.42 6.11 -5.59
CA GLN B 19 -16.14 5.77 -4.98
C GLN B 19 -15.14 6.93 -5.13
N LEU B 20 -15.18 7.63 -6.26
CA LEU B 20 -14.32 8.79 -6.41
C LEU B 20 -14.75 9.92 -5.49
N GLN B 21 -16.07 10.12 -5.32
CA GLN B 21 -16.54 11.11 -4.37
C GLN B 21 -16.11 10.77 -2.95
N TYR B 22 -16.09 9.47 -2.62
CA TYR B 22 -15.58 9.03 -1.33
C TYR B 22 -14.09 9.36 -1.19
N MET B 23 -13.30 9.12 -2.24
CA MET B 23 -11.88 9.45 -2.17
C MET B 23 -11.67 10.93 -1.91
N GLN B 24 -12.50 11.78 -2.53
CA GLN B 24 -12.32 13.22 -2.43
C GLN B 24 -12.84 13.76 -1.11
N ASN B 25 -14.03 13.33 -0.70
CA ASN B 25 -14.70 13.93 0.45
C ASN B 25 -14.39 13.22 1.76
N VAL B 26 -13.93 11.98 1.72
CA VAL B 26 -13.59 11.23 2.92
C VAL B 26 -12.09 10.98 3.03
N VAL B 27 -11.49 10.35 2.02
CA VAL B 27 -10.10 9.90 2.16
C VAL B 27 -9.14 11.08 2.14
N VAL B 28 -9.21 11.91 1.09
CA VAL B 28 -8.29 13.06 0.99
C VAL B 28 -8.47 13.98 2.20
N LYS B 29 -9.72 14.30 2.54
CA LYS B 29 -9.95 15.25 3.63
C LYS B 29 -9.51 14.71 4.98
N THR B 30 -9.64 13.39 5.20
CA THR B 30 -9.21 12.81 6.46
C THR B 30 -7.69 12.81 6.58
N LEU B 31 -6.99 12.43 5.51
CA LEU B 31 -5.54 12.42 5.53
C LEU B 31 -4.96 13.82 5.62
N TRP B 32 -5.58 14.78 4.92
CA TRP B 32 -5.03 16.14 4.84
C TRP B 32 -4.94 16.79 6.21
N LYS B 33 -5.89 16.50 7.11
CA LYS B 33 -5.97 17.21 8.37
C LYS B 33 -4.96 16.74 9.40
N HIS B 34 -4.25 15.63 9.15
CA HIS B 34 -3.32 15.13 10.14
C HIS B 34 -2.01 15.90 10.11
N GLN B 35 -1.36 15.98 11.28
CA GLN B 35 -0.17 16.82 11.43
C GLN B 35 1.01 16.31 10.63
N PHE B 36 1.03 15.02 10.28
CA PHE B 36 2.13 14.42 9.55
C PHE B 36 1.93 14.43 8.03
N ALA B 37 0.86 15.07 7.54
CA ALA B 37 0.52 14.98 6.12
C ALA B 37 1.22 16.02 5.25
N TRP B 38 1.77 17.08 5.84
CA TRP B 38 2.28 18.18 5.04
C TRP B 38 3.35 17.81 4.00
N PRO B 39 4.22 16.82 4.19
CA PRO B 39 5.20 16.53 3.13
C PRO B 39 4.58 15.98 1.87
N PHE B 40 3.29 15.63 1.90
CA PHE B 40 2.60 15.02 0.77
C PHE B 40 1.62 15.98 0.11
N TYR B 41 1.58 17.25 0.53
CA TYR B 41 0.64 18.21 -0.02
C TYR B 41 0.99 18.62 -1.46
N GLN B 42 2.25 18.51 -1.84
CA GLN B 42 2.74 18.98 -3.13
C GLN B 42 3.68 17.93 -3.70
N PRO B 43 3.91 17.94 -5.01
CA PRO B 43 4.94 17.06 -5.58
C PRO B 43 6.27 17.25 -4.88
N VAL B 44 7.02 16.16 -4.74
CA VAL B 44 8.36 16.25 -4.18
C VAL B 44 9.16 17.22 -5.02
N ASP B 45 9.68 18.28 -4.39
CA ASP B 45 10.44 19.32 -5.07
C ASP B 45 11.92 18.97 -4.93
N ALA B 46 12.45 18.27 -5.93
CA ALA B 46 13.82 17.78 -5.85
C ALA B 46 14.82 18.92 -5.78
N ILE B 47 14.50 20.07 -6.36
CA ILE B 47 15.40 21.21 -6.28
C ILE B 47 15.41 21.79 -4.88
N LYS B 48 14.23 22.16 -4.37
CA LYS B 48 14.16 22.81 -3.07
C LYS B 48 14.61 21.90 -1.94
N LEU B 49 14.37 20.59 -2.06
CA LEU B 49 14.78 19.65 -1.03
C LEU B 49 16.19 19.11 -1.25
N ASN B 50 16.84 19.50 -2.35
CA ASN B 50 18.23 19.11 -2.62
C ASN B 50 18.37 17.60 -2.75
N LEU B 51 17.54 17.00 -3.59
CA LEU B 51 17.53 15.56 -3.86
C LEU B 51 17.87 15.33 -5.32
N PRO B 52 19.14 15.49 -5.70
CA PRO B 52 19.49 15.48 -7.14
C PRO B 52 19.13 14.18 -7.86
N ASP B 53 19.03 13.05 -7.14
CA ASP B 53 18.79 11.76 -7.77
C ASP B 53 17.34 11.30 -7.67
N TYR B 54 16.44 12.16 -7.15
CA TYR B 54 15.07 11.71 -6.89
C TYR B 54 14.38 11.23 -8.17
N HIS B 55 14.47 12.02 -9.24
CA HIS B 55 13.77 11.66 -10.47
C HIS B 55 14.47 10.55 -11.25
N LYS B 56 15.70 10.19 -10.90
CA LYS B 56 16.31 8.99 -11.47
C LYS B 56 15.78 7.74 -10.78
N ILE B 57 15.55 7.83 -9.47
CA ILE B 57 15.08 6.68 -8.70
C ILE B 57 13.57 6.54 -8.82
N ILE B 58 12.84 7.64 -8.72
CA ILE B 58 11.38 7.63 -8.72
C ILE B 58 10.92 8.06 -10.11
N LYS B 59 10.47 7.09 -10.91
CA LYS B 59 10.07 7.36 -12.29
C LYS B 59 8.63 7.88 -12.41
N ASN B 60 7.77 7.60 -11.43
N ASN B 60 7.79 7.63 -11.41
CA ASN B 60 6.37 8.01 -11.48
CA ASN B 60 6.37 7.98 -11.46
C ASN B 60 6.01 8.69 -10.17
C ASN B 60 6.00 8.70 -10.17
N PRO B 61 6.36 9.97 -10.03
CA PRO B 61 6.06 10.68 -8.79
C PRO B 61 4.56 10.87 -8.61
N MET B 62 4.14 10.96 -7.35
CA MET B 62 2.74 11.20 -7.02
C MET B 62 2.65 11.81 -5.63
N ASP B 63 1.63 12.63 -5.42
CA ASP B 63 1.44 13.30 -4.13
C ASP B 63 -0.05 13.55 -3.92
N MET B 64 -0.40 13.88 -2.68
CA MET B 64 -1.82 14.04 -2.34
C MET B 64 -2.41 15.31 -2.94
N GLY B 65 -1.60 16.35 -3.14
CA GLY B 65 -2.11 17.54 -3.81
C GLY B 65 -2.47 17.28 -5.26
N THR B 66 -1.65 16.48 -5.95
CA THR B 66 -1.96 16.09 -7.32
C THR B 66 -3.21 15.22 -7.38
N ILE B 67 -3.34 14.28 -6.44
CA ILE B 67 -4.56 13.46 -6.37
C ILE B 67 -5.77 14.34 -6.17
N LYS B 68 -5.67 15.30 -5.26
CA LYS B 68 -6.79 16.19 -4.97
C LYS B 68 -7.20 16.98 -6.22
N LYS B 69 -6.21 17.49 -6.97
CA LYS B 69 -6.52 18.22 -8.19
C LYS B 69 -7.12 17.30 -9.26
N ARG B 70 -6.62 16.07 -9.35
CA ARG B 70 -7.20 15.12 -10.31
C ARG B 70 -8.66 14.84 -9.99
N LEU B 71 -8.99 14.70 -8.70
CA LEU B 71 -10.38 14.47 -8.32
C LEU B 71 -11.24 15.69 -8.63
N GLU B 72 -10.71 16.89 -8.42
CA GLU B 72 -11.47 18.10 -8.69
C GLU B 72 -11.71 18.29 -10.18
N ASN B 73 -10.80 17.82 -11.03
CA ASN B 73 -10.91 18.00 -12.47
C ASN B 73 -11.54 16.81 -13.18
N ASN B 74 -12.16 15.89 -12.45
CA ASN B 74 -12.78 14.68 -13.01
C ASN B 74 -11.81 13.96 -13.95
N TYR B 75 -10.56 13.82 -13.48
CA TYR B 75 -9.48 13.22 -14.24
C TYR B 75 -9.63 11.71 -14.35
N TYR B 76 -10.15 11.05 -13.31
CA TYR B 76 -10.20 9.60 -13.26
C TYR B 76 -11.48 9.06 -13.90
N TRP B 77 -11.36 7.86 -14.46
CA TRP B 77 -12.52 7.08 -14.84
C TRP B 77 -13.02 6.20 -13.70
N SER B 78 -12.11 5.74 -12.84
CA SER B 78 -12.44 4.84 -11.75
C SER B 78 -11.59 5.16 -10.54
N ALA B 79 -12.14 4.86 -9.35
CA ALA B 79 -11.37 4.97 -8.13
C ALA B 79 -10.22 3.97 -8.08
N SER B 80 -10.24 2.94 -8.92
CA SER B 80 -9.10 2.02 -8.98
C SER B 80 -7.81 2.76 -9.33
N GLU B 81 -7.88 3.73 -10.26
CA GLU B 81 -6.68 4.49 -10.58
C GLU B 81 -6.32 5.47 -9.47
N CYS B 82 -7.31 6.04 -8.79
CA CYS B 82 -7.02 6.93 -7.68
C CYS B 82 -6.37 6.18 -6.52
N MET B 83 -6.82 4.96 -6.25
CA MET B 83 -6.17 4.16 -5.21
C MET B 83 -4.76 3.79 -5.61
N GLN B 84 -4.53 3.50 -6.89
CA GLN B 84 -3.17 3.23 -7.35
C GLN B 84 -2.28 4.44 -7.16
N ASP B 85 -2.81 5.64 -7.38
CA ASP B 85 -2.03 6.87 -7.14
C ASP B 85 -1.63 6.99 -5.68
N PHE B 86 -2.55 6.73 -4.75
CA PHE B 86 -2.18 6.72 -3.33
C PHE B 86 -1.11 5.68 -3.04
N ASN B 87 -1.29 4.47 -3.59
CA ASN B 87 -0.32 3.40 -3.40
C ASN B 87 1.06 3.81 -3.90
N THR B 88 1.12 4.42 -5.09
CA THR B 88 2.40 4.86 -5.64
C THR B 88 3.02 5.95 -4.79
N MET B 89 2.21 6.88 -4.28
CA MET B 89 2.71 7.92 -3.40
C MET B 89 3.44 7.34 -2.20
N PHE B 90 2.80 6.39 -1.50
CA PHE B 90 3.45 5.76 -0.34
C PHE B 90 4.64 4.92 -0.76
N THR B 91 4.49 4.11 -1.81
CA THR B 91 5.57 3.25 -2.26
C THR B 91 6.81 4.06 -2.66
N ASN B 92 6.63 5.15 -3.41
CA ASN B 92 7.77 6.00 -3.77
C ASN B 92 8.53 6.45 -2.54
N CYS B 93 7.79 6.81 -1.49
CA CYS B 93 8.39 7.28 -0.25
C CYS B 93 9.29 6.21 0.37
N TYR B 94 8.77 4.98 0.47
CA TYR B 94 9.55 3.90 1.07
C TYR B 94 10.74 3.51 0.19
N ILE B 95 10.57 3.58 -1.13
CA ILE B 95 11.64 3.17 -2.03
C ILE B 95 12.80 4.17 -1.98
N TYR B 96 12.48 5.46 -1.99
CA TYR B 96 13.54 6.45 -2.11
C TYR B 96 14.28 6.71 -0.81
N ASN B 97 13.54 6.78 0.30
CA ASN B 97 14.11 7.30 1.53
C ASN B 97 14.78 6.22 2.36
N LYS B 98 15.64 6.65 3.28
CA LYS B 98 16.34 5.74 4.16
C LYS B 98 15.38 5.20 5.22
N PRO B 99 15.60 3.96 5.68
CA PRO B 99 14.63 3.33 6.59
C PRO B 99 14.34 4.13 7.86
N THR B 100 15.30 4.90 8.36
CA THR B 100 15.15 5.61 9.62
C THR B 100 14.73 7.07 9.46
N ASP B 101 14.48 7.53 8.24
CA ASP B 101 14.09 8.91 8.03
C ASP B 101 12.72 9.19 8.65
N ASP B 102 12.54 10.43 9.12
CA ASP B 102 11.25 10.84 9.66
C ASP B 102 10.13 10.65 8.65
N ILE B 103 10.41 10.89 7.37
CA ILE B 103 9.36 10.82 6.35
C ILE B 103 8.76 9.42 6.31
N VAL B 104 9.56 8.39 6.59
CA VAL B 104 9.06 7.01 6.50
C VAL B 104 8.05 6.75 7.61
N LEU B 105 8.32 7.24 8.83
CA LEU B 105 7.35 7.09 9.91
C LEU B 105 6.08 7.87 9.63
N MET B 106 6.21 9.05 9.02
CA MET B 106 5.03 9.84 8.67
C MET B 106 4.19 9.14 7.62
N ALA B 107 4.84 8.58 6.59
CA ALA B 107 4.11 7.83 5.57
C ALA B 107 3.38 6.63 6.17
N GLN B 108 4.04 5.92 7.08
CA GLN B 108 3.42 4.73 7.67
C GLN B 108 2.16 5.09 8.44
N ALA B 109 2.17 6.21 9.16
CA ALA B 109 1.00 6.62 9.92
C ALA B 109 -0.14 7.02 8.99
N LEU B 110 0.18 7.69 7.89
CA LEU B 110 -0.84 8.06 6.91
C LEU B 110 -1.39 6.84 6.19
N GLU B 111 -0.52 5.89 5.85
CA GLU B 111 -0.99 4.71 5.13
C GLU B 111 -1.92 3.86 5.98
N LYS B 112 -1.67 3.80 7.29
CA LYS B 112 -2.57 3.07 8.18
C LYS B 112 -3.98 3.66 8.13
N ILE B 113 -4.09 4.98 8.16
CA ILE B 113 -5.39 5.64 8.05
C ILE B 113 -5.99 5.39 6.67
N PHE B 114 -5.18 5.49 5.62
CA PHE B 114 -5.64 5.23 4.26
C PHE B 114 -6.34 3.87 4.16
N LEU B 115 -5.68 2.82 4.65
CA LEU B 115 -6.26 1.48 4.53
C LEU B 115 -7.55 1.36 5.31
N GLN B 116 -7.63 2.01 6.49
CA GLN B 116 -8.86 1.98 7.27
C GLN B 116 -10.02 2.58 6.49
N LYS B 117 -9.76 3.69 5.79
CA LYS B 117 -10.84 4.33 5.03
C LYS B 117 -11.21 3.53 3.80
N VAL B 118 -10.24 2.88 3.16
CA VAL B 118 -10.55 2.01 2.03
C VAL B 118 -11.40 0.83 2.46
N ALA B 119 -11.11 0.27 3.65
CA ALA B 119 -11.94 -0.82 4.16
C ALA B 119 -13.40 -0.40 4.35
N GLN B 120 -13.64 0.87 4.67
CA GLN B 120 -14.99 1.39 4.85
C GLN B 120 -15.61 1.92 3.56
N MET B 121 -14.91 1.82 2.43
CA MET B 121 -15.39 2.36 1.17
C MET B 121 -16.58 1.55 0.65
N PRO B 122 -17.53 2.19 -0.04
CA PRO B 122 -18.58 1.41 -0.72
C PRO B 122 -17.97 0.37 -1.65
N GLN B 123 -18.58 -0.82 -1.67
CA GLN B 123 -18.01 -1.93 -2.42
C GLN B 123 -18.17 -1.79 -3.93
N GLU B 124 -19.26 -1.15 -4.37
CA GLU B 124 -19.61 -1.05 -5.78
C GLU B 124 -19.38 0.37 -6.26
N GLU B 125 -19.01 0.51 -7.53
CA GLU B 125 -18.75 1.82 -8.12
C GLU B 125 -19.78 2.11 -9.20
N VAL B 126 -20.47 3.24 -9.09
CA VAL B 126 -21.44 3.71 -10.08
C VAL B 126 -21.21 5.19 -10.32
N GLU B 127 -21.55 5.65 -11.52
CA GLU B 127 -21.43 7.07 -11.81
C GLU B 127 -22.52 7.86 -11.09
N LEU B 128 -22.17 9.04 -10.58
CA LEU B 128 -23.13 9.89 -9.89
C LEU B 128 -24.06 10.57 -10.90
N TRP C 2 8.19 21.66 8.85
CA TRP C 2 9.32 22.04 8.00
C TRP C 2 10.49 21.12 8.31
N TRP C 3 11.51 21.10 7.45
CA TRP C 3 12.61 20.16 7.56
C TRP C 3 13.84 20.81 8.19
N ILE C 4 14.40 20.16 9.21
CA ILE C 4 15.77 20.47 9.61
C ILE C 4 16.75 19.87 8.60
N ILE C 5 16.55 18.59 8.27
CA ILE C 5 17.24 17.94 7.18
C ILE C 5 16.15 17.34 6.30
N PRO C 6 16.05 17.71 5.02
CA PRO C 6 14.94 17.27 4.17
C PRO C 6 14.75 15.76 4.19
N VAL C 8 14.75 13.61 6.26
CA VAL C 8 15.41 12.92 7.38
C VAL C 8 14.92 13.34 8.76
N LYS C 9 14.90 14.64 9.01
CA LYS C 9 14.58 15.16 10.34
C LYS C 9 13.71 16.39 10.23
N GLY C 11 11.46 19.58 11.80
CA GLY C 11 11.58 20.54 12.89
C GLY C 11 10.25 21.02 13.45
N CYS C 12 9.16 20.66 12.79
CA CYS C 12 7.83 21.08 13.24
C CYS C 12 7.11 19.93 13.93
N TRP D 2 12.74 -18.89 -8.17
CA TRP D 2 14.01 -18.89 -7.43
C TRP D 2 14.82 -17.70 -7.94
N TRP D 3 15.93 -17.39 -7.26
CA TRP D 3 16.66 -16.16 -7.53
C TRP D 3 17.98 -16.44 -8.24
N ILE D 4 18.26 -15.68 -9.31
CA ILE D 4 19.63 -15.62 -9.81
C ILE D 4 20.49 -14.82 -8.84
N ILE D 5 20.07 -13.59 -8.55
CA ILE D 5 20.61 -12.79 -7.46
C ILE D 5 19.44 -12.48 -6.54
N PRO D 6 19.47 -12.90 -5.26
CA PRO D 6 18.35 -12.75 -4.32
C PRO D 6 17.72 -11.35 -4.33
N VAL D 8 16.93 -9.32 -6.38
CA VAL D 8 17.27 -8.48 -7.52
C VAL D 8 16.74 -9.02 -8.85
N LYS D 9 17.01 -10.28 -9.13
CA LYS D 9 16.64 -10.87 -10.41
C LYS D 9 16.30 -12.35 -10.27
N GLY D 11 15.11 -16.26 -11.40
CA GLY D 11 15.46 -17.22 -12.43
C GLY D 11 14.27 -18.01 -12.96
N CYS D 12 13.16 -18.00 -12.23
CA CYS D 12 12.00 -18.81 -12.58
C CYS D 12 10.95 -17.98 -13.31
#